data_7NZP
#
_entry.id   7NZP
#
_cell.length_a   46.958
_cell.length_b   86.647
_cell.length_c   53.837
_cell.angle_alpha   90.000
_cell.angle_beta   112.274
_cell.angle_gamma   90.000
#
_symmetry.space_group_name_H-M   'P 1 21 1'
#
loop_
_entity.id
_entity.type
_entity.pdbx_description
1 polymer 'D-lyxose/D-mannose family sugar isomerase'
2 non-polymer beta-D-fructofuranose
3 non-polymer 1,2-ETHANEDIOL
4 non-polymer 'MANGANESE (II) ION'
5 water water
#
_entity_poly.entity_id   1
_entity_poly.type   'polypeptide(L)'
_entity_poly.pdbx_seq_one_letter_code
;MGHHHHHHHHHHSSGHIDDDDKHMMLTKELVKEAREKAIRMLEKACIAITDEEKEKIEVTDFGLGVLYTFGLEILVYVNN
ERYCAKELVMFPRQICPEHRHPPIGSYLGKQETFRCRWGEVYLYVPGTPTPNPRARIPEEKKRYFTVWHEIVLRPGEQYT
IPPNTLHWFQAGDEGAIVSEFSSQSIDEKDIFTDPNVKRIPEIV
;
_entity_poly.pdbx_strand_id   AAA,BBB
#
# COMPACT_ATOMS: atom_id res chain seq x y z
N LYS A 22 12.00 27.11 -24.21
CA LYS A 22 10.55 27.36 -24.48
C LYS A 22 9.69 26.56 -23.52
N HIS A 23 8.49 27.08 -23.23
CA HIS A 23 7.53 26.38 -22.39
C HIS A 23 6.98 25.18 -23.15
N MET A 24 7.68 24.03 -23.01
CA MET A 24 7.50 22.86 -23.84
C MET A 24 6.18 22.16 -23.51
N MET A 25 5.94 21.01 -24.16
CA MET A 25 4.62 20.41 -24.10
C MET A 25 4.70 18.91 -23.84
N LEU A 26 3.73 18.41 -23.06
CA LEU A 26 3.63 16.98 -22.82
C LEU A 26 2.95 16.34 -24.02
N THR A 27 3.68 15.55 -24.81
CA THR A 27 3.14 14.89 -25.99
CA THR A 27 3.10 14.91 -25.98
C THR A 27 2.74 13.46 -25.69
N LYS A 28 1.94 12.87 -26.59
CA LYS A 28 1.49 11.49 -26.49
CA LYS A 28 1.49 11.49 -26.49
C LYS A 28 2.70 10.57 -26.56
N GLU A 29 3.68 10.94 -27.41
CA GLU A 29 4.86 10.11 -27.56
C GLU A 29 5.71 10.18 -26.28
N LEU A 30 5.86 11.37 -25.68
CA LEU A 30 6.60 11.52 -24.44
C LEU A 30 5.94 10.67 -23.34
N VAL A 31 4.60 10.72 -23.28
CA VAL A 31 3.82 9.99 -22.29
C VAL A 31 4.05 8.48 -22.50
N LYS A 32 3.99 8.02 -23.74
CA LYS A 32 4.15 6.60 -24.00
C LYS A 32 5.54 6.14 -23.59
N GLU A 33 6.56 6.93 -23.92
CA GLU A 33 7.92 6.61 -23.56
C GLU A 33 8.03 6.52 -22.03
N ALA A 34 7.42 7.48 -21.32
CA ALA A 34 7.55 7.52 -19.86
C ALA A 34 6.80 6.35 -19.22
N ARG A 35 5.61 6.04 -19.72
CA ARG A 35 4.80 4.93 -19.24
CA ARG A 35 4.82 4.94 -19.22
C ARG A 35 5.61 3.64 -19.36
N GLU A 36 6.25 3.44 -20.52
CA GLU A 36 7.00 2.22 -20.74
C GLU A 36 8.22 2.10 -19.82
N LYS A 37 8.87 3.23 -19.55
CA LYS A 37 10.02 3.23 -18.66
C LYS A 37 9.54 2.90 -17.23
N ALA A 38 8.40 3.47 -16.83
CA ALA A 38 7.90 3.27 -15.46
C ALA A 38 7.53 1.79 -15.30
N ILE A 39 6.93 1.19 -16.35
CA ILE A 39 6.56 -0.22 -16.29
C ILE A 39 7.79 -1.08 -16.12
N ARG A 40 8.87 -0.77 -16.87
CA ARG A 40 10.08 -1.56 -16.72
C ARG A 40 10.62 -1.43 -15.29
N MET A 41 10.50 -0.22 -14.70
CA MET A 41 11.06 -0.05 -13.37
C MET A 41 10.25 -0.88 -12.36
N LEU A 42 8.93 -0.89 -12.51
CA LEU A 42 8.05 -1.64 -11.61
C LEU A 42 8.38 -3.13 -11.72
N GLU A 43 8.57 -3.61 -12.97
CA GLU A 43 8.89 -5.03 -13.16
C GLU A 43 10.21 -5.38 -12.52
N LYS A 44 11.22 -4.51 -12.65
CA LYS A 44 12.53 -4.72 -12.09
C LYS A 44 12.43 -4.85 -10.57
N ALA A 45 11.48 -4.14 -9.96
CA ALA A 45 11.31 -4.15 -8.51
C ALA A 45 10.33 -5.26 -8.14
N CYS A 46 9.93 -6.12 -9.10
CA CYS A 46 9.08 -7.29 -8.86
C CYS A 46 7.66 -6.90 -8.46
N ILE A 47 7.22 -5.67 -8.80
CA ILE A 47 5.89 -5.25 -8.41
C ILE A 47 4.92 -5.60 -9.53
N ALA A 48 4.02 -6.54 -9.28
CA ALA A 48 3.06 -6.97 -10.30
C ALA A 48 2.08 -5.86 -10.59
N ILE A 49 1.83 -5.65 -11.88
CA ILE A 49 0.78 -4.73 -12.27
CA ILE A 49 0.87 -4.67 -12.35
C ILE A 49 0.03 -5.32 -13.46
N THR A 50 -1.27 -5.11 -13.44
CA THR A 50 -2.14 -5.70 -14.45
C THR A 50 -2.03 -4.95 -15.78
N ASP A 51 -2.51 -5.59 -16.86
CA ASP A 51 -2.43 -4.92 -18.15
C ASP A 51 -3.31 -3.67 -18.14
N GLU A 52 -4.43 -3.74 -17.45
CA GLU A 52 -5.34 -2.60 -17.32
CA GLU A 52 -5.35 -2.61 -17.31
C GLU A 52 -4.65 -1.47 -16.55
N GLU A 53 -3.87 -1.82 -15.51
CA GLU A 53 -3.19 -0.79 -14.74
C GLU A 53 -2.12 -0.14 -15.57
N LYS A 54 -1.45 -0.92 -16.43
CA LYS A 54 -0.37 -0.38 -17.23
C LYS A 54 -0.87 0.76 -18.11
N GLU A 55 -2.13 0.68 -18.51
CA GLU A 55 -2.69 1.72 -19.37
C GLU A 55 -3.08 2.97 -18.58
N LYS A 56 -3.22 2.82 -17.24
CA LYS A 56 -3.73 3.89 -16.40
C LYS A 56 -2.61 4.61 -15.64
N ILE A 57 -1.36 4.27 -15.89
CA ILE A 57 -0.25 5.00 -15.26
C ILE A 57 -0.30 6.45 -15.75
N GLU A 58 -0.35 7.38 -14.78
CA GLU A 58 -0.45 8.79 -15.14
C GLU A 58 0.95 9.35 -15.27
N VAL A 59 1.21 10.08 -16.35
CA VAL A 59 2.48 10.76 -16.55
C VAL A 59 2.21 12.26 -16.47
N THR A 60 2.84 12.96 -15.49
CA THR A 60 2.63 14.40 -15.42
C THR A 60 3.97 15.10 -15.41
N ASP A 61 4.04 16.23 -16.17
CA ASP A 61 5.20 17.10 -16.11
C ASP A 61 4.85 18.38 -15.34
N PHE A 62 3.69 18.35 -14.64
CA PHE A 62 3.27 19.44 -13.76
C PHE A 62 3.09 20.71 -14.60
N GLY A 63 3.02 20.55 -15.93
CA GLY A 63 2.75 21.69 -16.80
C GLY A 63 3.99 22.56 -17.00
N LEU A 64 5.18 22.04 -16.63
CA LEU A 64 6.41 22.81 -16.67
C LEU A 64 7.23 22.50 -17.92
N GLY A 65 6.85 21.48 -18.71
CA GLY A 65 7.45 21.28 -20.02
C GLY A 65 8.83 20.63 -20.01
N VAL A 66 9.28 20.06 -18.87
CA VAL A 66 10.56 19.37 -18.82
C VAL A 66 10.37 18.11 -17.96
N LEU A 67 9.61 17.16 -18.51
CA LEU A 67 9.19 15.96 -17.77
C LEU A 67 10.35 15.30 -17.01
N TYR A 68 11.53 15.20 -17.61
CA TYR A 68 12.62 14.47 -16.98
C TYR A 68 13.27 15.26 -15.86
N THR A 69 12.91 16.55 -15.75
CA THR A 69 13.38 17.38 -14.66
C THR A 69 12.29 17.44 -13.60
N PHE A 70 11.12 17.92 -13.98
CA PHE A 70 9.97 17.98 -13.06
C PHE A 70 8.89 17.04 -13.59
N GLY A 71 8.58 15.99 -12.83
CA GLY A 71 7.57 15.08 -13.34
C GLY A 71 7.42 13.88 -12.39
N LEU A 72 6.39 13.10 -12.66
CA LEU A 72 6.09 11.93 -11.84
C LEU A 72 5.31 10.96 -12.73
N GLU A 73 5.49 9.66 -12.46
CA GLU A 73 4.71 8.63 -13.14
C GLU A 73 3.97 7.91 -12.03
N ILE A 74 2.64 7.88 -12.08
CA ILE A 74 1.88 7.47 -10.92
C ILE A 74 0.95 6.32 -11.25
N LEU A 75 0.96 5.28 -10.42
CA LEU A 75 -0.09 4.26 -10.50
C LEU A 75 -0.98 4.38 -9.28
N VAL A 76 -2.29 4.63 -9.47
CA VAL A 76 -3.23 4.64 -8.36
C VAL A 76 -3.78 3.23 -8.17
N TYR A 77 -3.47 2.59 -7.05
CA TYR A 77 -4.03 1.29 -6.76
C TYR A 77 -5.50 1.39 -6.39
N VAL A 78 -5.87 2.36 -5.56
CA VAL A 78 -7.23 2.57 -5.10
C VAL A 78 -7.31 4.00 -4.56
N ASN A 79 -8.49 4.64 -4.64
CA ASN A 79 -8.66 5.98 -4.12
C ASN A 79 -10.15 6.14 -3.90
N ASN A 80 -10.54 6.26 -2.64
CA ASN A 80 -11.96 6.48 -2.34
C ASN A 80 -12.06 7.42 -1.16
N GLU A 81 -13.28 7.63 -0.64
CA GLU A 81 -13.50 8.60 0.42
CA GLU A 81 -13.46 8.62 0.41
C GLU A 81 -12.78 8.20 1.71
N ARG A 82 -12.42 6.92 1.84
CA ARG A 82 -11.89 6.40 3.10
C ARG A 82 -10.35 6.32 3.07
N TYR A 83 -9.75 6.05 1.92
CA TYR A 83 -8.28 5.82 1.88
C TYR A 83 -7.80 5.79 0.42
N CYS A 84 -6.48 5.85 0.26
CA CYS A 84 -5.87 5.85 -1.06
C CYS A 84 -4.53 5.12 -0.93
N ALA A 85 -4.13 4.45 -2.00
CA ALA A 85 -2.78 3.92 -2.11
C ALA A 85 -2.28 4.07 -3.53
N LYS A 86 -1.01 4.50 -3.64
CA LYS A 86 -0.42 4.71 -4.95
C LYS A 86 1.00 4.17 -5.01
N GLU A 87 1.53 4.05 -6.22
CA GLU A 87 2.93 3.80 -6.44
C GLU A 87 3.46 4.99 -7.25
N LEU A 88 4.42 5.71 -6.70
CA LEU A 88 5.02 6.82 -7.41
C LEU A 88 6.34 6.34 -8.02
N VAL A 89 6.45 6.44 -9.35
CA VAL A 89 7.69 6.06 -9.97
C VAL A 89 8.40 7.35 -10.41
N MET A 90 9.69 7.38 -10.16
CA MET A 90 10.50 8.55 -10.46
C MET A 90 11.73 8.11 -11.22
N PHE A 91 12.01 8.81 -12.33
CA PHE A 91 13.22 8.57 -13.10
C PHE A 91 14.39 9.23 -12.43
N PRO A 92 15.67 8.97 -12.81
CA PRO A 92 16.79 9.57 -12.11
C PRO A 92 16.67 11.09 -12.00
N ARG A 93 16.76 11.60 -10.77
CA ARG A 93 16.76 13.03 -10.49
C ARG A 93 15.46 13.74 -10.89
N GLN A 94 14.37 13.00 -11.16
CA GLN A 94 13.09 13.65 -11.38
C GLN A 94 12.60 14.28 -10.09
N ILE A 95 12.03 15.50 -10.21
CA ILE A 95 11.59 16.25 -9.03
C ILE A 95 10.08 16.40 -9.06
N CYS A 96 9.46 16.23 -7.90
CA CYS A 96 8.07 16.61 -7.67
CA CYS A 96 8.08 16.64 -7.67
C CYS A 96 8.10 18.03 -7.08
N PRO A 97 7.54 19.03 -7.79
CA PRO A 97 7.55 20.43 -7.31
C PRO A 97 6.87 20.55 -5.95
N GLU A 98 7.22 21.61 -5.18
CA GLU A 98 6.74 21.78 -3.84
C GLU A 98 5.24 22.08 -3.81
N HIS A 99 4.56 21.36 -2.91
CA HIS A 99 3.12 21.49 -2.82
C HIS A 99 2.68 21.13 -1.43
N ARG A 100 1.35 21.28 -1.21
CA ARG A 100 0.75 20.79 0.00
C ARG A 100 -0.69 20.35 -0.34
N HIS A 101 -1.22 19.52 0.57
CA HIS A 101 -2.57 18.96 0.41
C HIS A 101 -3.45 19.65 1.43
N PRO A 102 -4.25 20.65 0.99
CA PRO A 102 -4.96 21.46 1.96
C PRO A 102 -6.31 20.86 2.35
N PRO A 103 -6.88 21.37 3.46
CA PRO A 103 -8.29 21.06 3.73
C PRO A 103 -9.13 21.50 2.52
N ILE A 104 -10.22 20.76 2.31
CA ILE A 104 -11.17 21.00 1.24
C ILE A 104 -12.54 20.89 1.90
N GLY A 105 -13.23 22.03 2.05
CA GLY A 105 -14.47 22.00 2.82
C GLY A 105 -14.24 21.38 4.20
N SER A 106 -15.02 20.33 4.53
CA SER A 106 -14.93 19.67 5.83
C SER A 106 -13.86 18.58 5.84
N TYR A 107 -13.30 18.22 4.67
CA TYR A 107 -12.18 17.29 4.59
C TYR A 107 -10.93 18.01 5.13
N LEU A 108 -10.29 17.40 6.13
CA LEU A 108 -9.06 17.87 6.76
C LEU A 108 -7.93 18.08 5.74
N GLY A 109 -8.00 17.40 4.59
CA GLY A 109 -6.85 17.42 3.69
C GLY A 109 -6.10 16.09 3.75
N LYS A 110 -5.32 15.84 2.70
CA LYS A 110 -4.69 14.52 2.64
C LYS A 110 -3.50 14.43 3.59
N GLN A 111 -3.49 13.41 4.47
CA GLN A 111 -2.29 12.98 5.13
C GLN A 111 -1.73 11.78 4.37
N GLU A 112 -0.39 11.72 4.27
CA GLU A 112 0.14 10.56 3.57
C GLU A 112 1.42 10.05 4.22
N THR A 113 1.64 8.74 4.05
CA THR A 113 2.86 8.07 4.46
C THR A 113 3.55 7.60 3.17
N PHE A 114 4.82 7.99 3.01
CA PHE A 114 5.63 7.52 1.89
CA PHE A 114 5.64 7.51 1.90
C PHE A 114 6.46 6.33 2.37
N ARG A 115 6.59 5.32 1.51
CA ARG A 115 7.52 4.23 1.78
C ARG A 115 8.37 3.99 0.56
N CYS A 116 9.69 4.20 0.67
CA CYS A 116 10.50 3.91 -0.51
C CYS A 116 10.54 2.39 -0.75
N ARG A 117 10.31 1.95 -2.00
CA ARG A 117 10.37 0.52 -2.31
C ARG A 117 11.65 0.15 -3.05
N TRP A 118 12.26 1.11 -3.78
CA TRP A 118 13.38 0.78 -4.66
C TRP A 118 14.10 2.09 -4.97
N GLY A 119 15.42 2.06 -5.10
CA GLY A 119 16.17 3.29 -5.40
C GLY A 119 16.29 4.12 -4.14
N GLU A 120 16.20 5.45 -4.30
CA GLU A 120 16.27 6.33 -3.15
C GLU A 120 15.58 7.64 -3.52
N VAL A 121 15.02 8.26 -2.49
CA VAL A 121 14.39 9.56 -2.71
C VAL A 121 14.80 10.52 -1.60
N TYR A 122 14.92 11.79 -1.98
CA TYR A 122 15.23 12.89 -1.08
C TYR A 122 13.95 13.70 -0.87
N LEU A 123 13.40 13.61 0.35
CA LEU A 123 12.13 14.26 0.65
C LEU A 123 12.45 15.50 1.49
N TYR A 124 11.77 16.59 1.21
CA TYR A 124 12.03 17.82 1.95
C TYR A 124 10.71 18.29 2.59
N VAL A 125 10.80 18.66 3.90
CA VAL A 125 9.64 19.08 4.67
C VAL A 125 10.08 20.29 5.50
N PRO A 126 9.15 20.95 6.22
CA PRO A 126 9.54 22.13 7.00
C PRO A 126 10.50 21.67 8.11
N GLY A 127 11.31 22.64 8.55
CA GLY A 127 12.28 22.31 9.59
C GLY A 127 13.63 23.00 9.33
N THR A 128 14.63 22.62 10.11
CA THR A 128 15.90 23.30 10.01
C THR A 128 16.60 22.80 8.75
N PRO A 129 17.16 23.69 7.90
CA PRO A 129 17.77 23.24 6.66
C PRO A 129 18.90 22.25 6.93
N THR A 130 18.85 21.10 6.24
CA THR A 130 19.90 20.11 6.36
C THR A 130 21.13 20.59 5.60
N PRO A 131 22.35 20.56 6.20
CA PRO A 131 23.52 20.95 5.42
C PRO A 131 23.81 19.94 4.32
N ASN A 132 24.34 20.45 3.19
CA ASN A 132 24.81 19.64 2.10
C ASN A 132 23.68 18.74 1.58
N PRO A 133 22.53 19.32 1.22
CA PRO A 133 21.37 18.50 0.82
C PRO A 133 21.72 17.78 -0.45
N ARG A 134 21.11 16.59 -0.61
CA ARG A 134 21.37 15.76 -1.76
C ARG A 134 20.71 16.29 -3.03
N ALA A 135 19.58 17.01 -2.89
CA ALA A 135 18.81 17.41 -4.06
C ALA A 135 19.55 18.50 -4.84
N ARG A 136 19.36 18.47 -6.16
CA ARG A 136 19.89 19.46 -7.07
C ARG A 136 18.74 20.00 -7.91
N ILE A 137 18.43 21.29 -7.73
CA ILE A 137 17.26 21.94 -8.33
C ILE A 137 17.84 22.89 -9.37
N PRO A 138 17.20 23.04 -10.55
CA PRO A 138 17.62 24.08 -11.48
C PRO A 138 17.59 25.47 -10.83
N GLU A 139 18.66 26.24 -11.09
CA GLU A 139 18.92 27.51 -10.44
C GLU A 139 17.68 28.41 -10.50
N GLU A 140 17.08 28.49 -11.68
CA GLU A 140 15.98 29.42 -11.94
C GLU A 140 14.71 29.01 -11.20
N LYS A 141 14.66 27.77 -10.67
CA LYS A 141 13.44 27.34 -10.00
C LYS A 141 13.63 27.27 -8.48
N LYS A 142 14.87 27.49 -8.00
CA LYS A 142 15.14 27.41 -6.56
C LYS A 142 14.18 28.26 -5.74
N ARG A 143 13.70 29.40 -6.30
CA ARG A 143 12.82 30.29 -5.56
CA ARG A 143 12.81 30.30 -5.58
C ARG A 143 11.52 29.59 -5.17
N TYR A 144 11.17 28.50 -5.87
CA TYR A 144 9.89 27.84 -5.59
C TYR A 144 10.06 26.60 -4.72
N PHE A 145 11.23 26.44 -4.11
CA PHE A 145 11.48 25.39 -3.13
C PHE A 145 11.83 26.08 -1.82
N THR A 146 10.94 26.02 -0.87
CA THR A 146 11.05 26.83 0.35
C THR A 146 11.33 26.02 1.60
N VAL A 147 11.09 24.68 1.57
CA VAL A 147 11.37 23.85 2.73
C VAL A 147 12.62 23.00 2.44
N TRP A 148 13.49 22.82 3.45
CA TRP A 148 14.82 22.28 3.22
C TRP A 148 15.27 21.30 4.29
N HIS A 149 14.32 20.79 5.10
CA HIS A 149 14.67 19.77 6.04
C HIS A 149 14.60 18.43 5.31
N GLU A 150 15.72 17.74 5.23
CA GLU A 150 15.86 16.60 4.33
C GLU A 150 15.57 15.31 5.07
N ILE A 151 14.77 14.43 4.42
CA ILE A 151 14.63 13.06 4.85
C ILE A 151 15.03 12.19 3.67
N VAL A 152 16.11 11.38 3.80
CA VAL A 152 16.46 10.47 2.73
C VAL A 152 15.77 9.14 2.99
N LEU A 153 15.02 8.62 2.01
CA LEU A 153 14.42 7.30 2.19
C LEU A 153 15.00 6.32 1.21
N ARG A 154 15.51 5.23 1.77
CA ARG A 154 15.94 4.07 1.02
C ARG A 154 14.93 2.95 1.18
N PRO A 155 15.05 1.81 0.44
CA PRO A 155 14.00 0.78 0.43
C PRO A 155 13.66 0.29 1.82
N GLY A 156 12.33 0.35 2.10
CA GLY A 156 11.80 -0.04 3.39
C GLY A 156 11.54 1.13 4.35
N GLU A 157 12.06 2.32 4.03
CA GLU A 157 12.00 3.41 4.99
C GLU A 157 10.79 4.31 4.68
N GLN A 158 10.25 4.94 5.72
CA GLN A 158 9.00 5.68 5.60
C GLN A 158 9.05 7.04 6.24
N TYR A 159 8.14 7.91 5.82
CA TYR A 159 7.93 9.17 6.50
C TYR A 159 6.48 9.57 6.34
N THR A 160 5.90 10.21 7.37
CA THR A 160 4.50 10.64 7.28
C THR A 160 4.41 12.16 7.28
N ILE A 161 3.65 12.70 6.32
CA ILE A 161 3.44 14.12 6.07
CA ILE A 161 3.44 14.12 6.07
C ILE A 161 2.02 14.45 6.53
N PRO A 162 1.82 15.24 7.61
CA PRO A 162 0.47 15.67 8.02
C PRO A 162 -0.18 16.56 6.96
N PRO A 163 -1.51 16.75 6.99
CA PRO A 163 -2.16 17.60 5.99
C PRO A 163 -1.61 19.02 5.97
N ASN A 164 -1.73 19.61 4.80
CA ASN A 164 -1.47 21.04 4.61
C ASN A 164 -0.01 21.37 4.92
N THR A 165 0.89 20.41 4.68
CA THR A 165 2.31 20.53 4.98
C THR A 165 3.08 20.64 3.67
N LEU A 166 3.95 21.65 3.54
CA LEU A 166 4.71 21.83 2.30
C LEU A 166 5.74 20.70 2.21
N HIS A 167 5.87 20.14 1.00
CA HIS A 167 6.88 19.10 0.81
C HIS A 167 7.19 19.02 -0.67
N TRP A 168 8.36 18.41 -0.96
CA TRP A 168 8.76 18.14 -2.32
C TRP A 168 9.79 17.03 -2.25
N PHE A 169 10.10 16.47 -3.43
CA PHE A 169 11.05 15.35 -3.39
C PHE A 169 11.78 15.21 -4.72
N GLN A 170 13.02 14.67 -4.64
CA GLN A 170 13.77 14.35 -5.86
C GLN A 170 14.34 12.94 -5.71
N ALA A 171 14.24 12.17 -6.79
CA ALA A 171 14.84 10.84 -6.77
C ALA A 171 16.36 10.96 -6.92
N GLY A 172 17.01 9.90 -6.49
CA GLY A 172 18.47 9.76 -6.63
C GLY A 172 18.85 9.46 -8.05
N ASP A 173 20.17 9.21 -8.21
CA ASP A 173 20.74 9.05 -9.53
C ASP A 173 20.27 7.77 -10.26
N GLU A 174 19.59 6.83 -9.57
CA GLU A 174 19.04 5.67 -10.25
C GLU A 174 17.52 5.73 -10.34
N GLY A 175 16.93 6.83 -9.84
CA GLY A 175 15.48 6.91 -9.77
C GLY A 175 14.91 6.29 -8.47
N ALA A 176 13.60 6.18 -8.39
CA ALA A 176 12.99 5.61 -7.17
C ALA A 176 11.61 5.11 -7.49
N ILE A 177 11.14 4.17 -6.66
CA ILE A 177 9.75 3.80 -6.55
C ILE A 177 9.32 4.04 -5.12
N VAL A 178 8.29 4.89 -4.95
CA VAL A 178 7.91 5.30 -3.59
C VAL A 178 6.41 5.04 -3.47
N SER A 179 6.00 4.20 -2.52
CA SER A 179 4.60 3.95 -2.26
C SER A 179 4.01 5.08 -1.43
N GLU A 180 2.74 5.38 -1.71
CA GLU A 180 1.98 6.29 -0.88
C GLU A 180 0.83 5.51 -0.24
N PHE A 181 0.62 5.70 1.06
CA PHE A 181 -0.56 5.23 1.78
C PHE A 181 -1.18 6.50 2.37
N SER A 182 -2.47 6.76 2.06
CA SER A 182 -2.96 8.09 2.46
C SER A 182 -4.47 8.06 2.66
N SER A 183 -4.97 9.22 3.13
CA SER A 183 -6.42 9.44 3.10
C SER A 183 -6.78 9.78 1.66
N GLN A 184 -8.07 10.10 1.42
CA GLN A 184 -8.53 10.35 0.07
C GLN A 184 -7.64 11.37 -0.65
N SER A 185 -7.30 11.08 -1.90
CA SER A 185 -6.53 11.96 -2.74
C SER A 185 -7.45 12.78 -3.64
N ILE A 186 -7.18 14.10 -3.67
CA ILE A 186 -7.87 15.05 -4.55
C ILE A 186 -6.79 15.93 -5.18
N ASP A 187 -6.09 15.40 -6.18
CA ASP A 187 -4.91 16.02 -6.75
C ASP A 187 -5.23 17.42 -7.26
N GLU A 188 -6.47 17.62 -7.76
CA GLU A 188 -6.82 18.87 -8.42
CA GLU A 188 -6.86 18.86 -8.41
C GLU A 188 -6.79 20.04 -7.43
N LYS A 189 -6.91 19.75 -6.13
CA LYS A 189 -6.98 20.78 -5.10
C LYS A 189 -5.61 21.02 -4.45
N ASP A 190 -4.56 20.30 -4.86
CA ASP A 190 -3.23 20.55 -4.30
C ASP A 190 -2.78 21.98 -4.64
N ILE A 191 -1.98 22.56 -3.72
CA ILE A 191 -1.51 23.92 -3.91
C ILE A 191 0.01 23.87 -4.09
N PHE A 192 0.48 24.37 -5.22
CA PHE A 192 1.89 24.39 -5.55
C PHE A 192 2.54 25.74 -5.28
N THR A 193 3.79 25.72 -4.82
CA THR A 193 4.50 26.98 -4.60
C THR A 193 4.79 27.65 -5.93
N ASP A 194 5.14 26.88 -6.98
CA ASP A 194 5.48 27.40 -8.30
C ASP A 194 4.19 27.75 -9.02
N PRO A 195 3.91 29.05 -9.32
CA PRO A 195 2.61 29.41 -9.83
C PRO A 195 2.47 28.98 -11.29
N ASN A 196 3.54 28.47 -11.90
CA ASN A 196 3.51 27.94 -13.25
C ASN A 196 2.95 26.52 -13.27
N VAL A 197 2.94 25.84 -12.12
CA VAL A 197 2.52 24.44 -12.16
C VAL A 197 1.02 24.34 -12.46
N LYS A 198 0.68 23.43 -13.39
CA LYS A 198 -0.67 22.89 -13.51
C LYS A 198 -0.60 21.39 -13.28
N ARG A 199 -1.27 20.89 -12.23
CA ARG A 199 -1.11 19.50 -11.77
C ARG A 199 -1.61 18.53 -12.85
N ILE A 200 -2.79 18.82 -13.42
CA ILE A 200 -3.45 17.91 -14.35
C ILE A 200 -2.87 18.12 -15.75
N PRO A 201 -2.24 17.07 -16.34
CA PRO A 201 -1.49 17.22 -17.59
C PRO A 201 -2.34 17.64 -18.77
N GLU A 202 -1.67 18.22 -19.78
CA GLU A 202 -2.31 18.60 -21.03
C GLU A 202 -1.46 17.96 -22.13
N ILE A 203 -1.93 16.78 -22.56
CA ILE A 203 -1.22 15.94 -23.49
C ILE A 203 -1.61 16.37 -24.90
N VAL A 204 -0.59 16.62 -25.74
CA VAL A 204 -0.78 17.01 -27.13
C VAL A 204 -0.52 15.79 -28.03
N HIS B 23 -3.14 -30.29 18.11
CA HIS B 23 -3.29 -28.89 18.62
C HIS B 23 -2.17 -28.59 19.63
N MET B 24 -1.92 -27.30 19.83
CA MET B 24 -0.77 -26.79 20.56
C MET B 24 -1.11 -25.47 21.25
N MET B 25 -0.07 -24.85 21.84
CA MET B 25 -0.07 -23.45 22.24
C MET B 25 0.93 -22.72 21.35
N LEU B 26 0.72 -21.42 21.10
CA LEU B 26 1.67 -20.66 20.29
C LEU B 26 2.85 -20.27 21.19
N THR B 27 4.02 -20.86 20.92
CA THR B 27 5.21 -20.60 21.71
C THR B 27 6.14 -19.60 21.02
N LYS B 28 7.12 -19.14 21.79
CA LYS B 28 8.10 -18.16 21.33
C LYS B 28 8.90 -18.75 20.17
N GLU B 29 9.19 -20.05 20.27
CA GLU B 29 9.98 -20.72 19.26
C GLU B 29 9.16 -20.85 17.97
N LEU B 30 7.87 -21.18 18.08
CA LEU B 30 7.00 -21.30 16.91
C LEU B 30 6.90 -19.95 16.21
N VAL B 31 6.76 -18.89 17.02
CA VAL B 31 6.65 -17.53 16.51
C VAL B 31 7.93 -17.15 15.78
N LYS B 32 9.09 -17.45 16.38
CA LYS B 32 10.33 -17.02 15.74
C LYS B 32 10.52 -17.77 14.43
N GLU B 33 10.18 -19.05 14.42
CA GLU B 33 10.28 -19.84 13.20
C GLU B 33 9.38 -19.22 12.11
N ALA B 34 8.13 -18.86 12.50
CA ALA B 34 7.19 -18.34 11.49
C ALA B 34 7.62 -16.94 11.00
N ARG B 35 8.16 -16.11 11.89
CA ARG B 35 8.64 -14.79 11.55
C ARG B 35 9.76 -14.94 10.52
N GLU B 36 10.69 -15.88 10.75
CA GLU B 36 11.79 -16.03 9.84
C GLU B 36 11.33 -16.52 8.47
N LYS B 37 10.34 -17.40 8.43
CA LYS B 37 9.81 -17.88 7.17
C LYS B 37 9.08 -16.74 6.42
N ALA B 38 8.36 -15.90 7.16
CA ALA B 38 7.65 -14.79 6.53
C ALA B 38 8.66 -13.79 5.96
N ILE B 39 9.78 -13.58 6.68
CA ILE B 39 10.82 -12.70 6.17
C ILE B 39 11.39 -13.24 4.88
N ARG B 40 11.67 -14.56 4.83
CA ARG B 40 12.18 -15.11 3.58
C ARG B 40 11.17 -14.95 2.44
N MET B 41 9.86 -15.05 2.74
CA MET B 41 8.89 -14.94 1.65
C MET B 41 8.86 -13.49 1.13
N LEU B 42 8.96 -12.52 2.04
CA LEU B 42 8.97 -11.11 1.63
C LEU B 42 10.21 -10.86 0.77
N GLU B 43 11.35 -11.41 1.18
CA GLU B 43 12.59 -11.24 0.39
C GLU B 43 12.45 -11.84 -1.01
N LYS B 44 11.85 -13.03 -1.12
CA LYS B 44 11.62 -13.64 -2.39
C LYS B 44 10.76 -12.78 -3.31
N ALA B 45 9.83 -12.02 -2.73
CA ALA B 45 8.95 -11.16 -3.50
C ALA B 45 9.59 -9.77 -3.69
N CYS B 46 10.85 -9.61 -3.27
CA CYS B 46 11.63 -8.38 -3.43
C CYS B 46 11.04 -7.21 -2.61
N ILE B 47 10.29 -7.52 -1.55
CA ILE B 47 9.69 -6.46 -0.76
C ILE B 47 10.64 -6.11 0.39
N ALA B 48 11.22 -4.90 0.34
CA ALA B 48 12.19 -4.51 1.35
C ALA B 48 11.52 -4.33 2.69
N ILE B 49 12.18 -4.80 3.77
CA ILE B 49 11.67 -4.49 5.09
CA ILE B 49 11.68 -4.64 5.12
C ILE B 49 12.86 -4.20 6.01
N THR B 50 12.63 -3.28 6.94
CA THR B 50 13.72 -2.83 7.82
C THR B 50 14.01 -3.87 8.90
N ASP B 51 15.19 -3.74 9.54
CA ASP B 51 15.47 -4.71 10.60
C ASP B 51 14.51 -4.53 11.76
N GLU B 52 14.11 -3.28 12.01
CA GLU B 52 13.10 -3.02 13.04
C GLU B 52 11.75 -3.68 12.68
N GLU B 53 11.36 -3.62 11.40
CA GLU B 53 10.08 -4.23 11.00
C GLU B 53 10.15 -5.74 11.13
N LYS B 54 11.33 -6.32 10.87
CA LYS B 54 11.46 -7.77 10.99
C LYS B 54 11.10 -8.24 12.39
N GLU B 55 11.38 -7.41 13.39
CA GLU B 55 11.10 -7.84 14.76
CA GLU B 55 11.12 -7.72 14.80
C GLU B 55 9.63 -7.58 15.12
N LYS B 56 8.90 -6.83 14.29
CA LYS B 56 7.54 -6.43 14.60
C LYS B 56 6.51 -7.20 13.77
N ILE B 57 6.95 -8.16 12.96
CA ILE B 57 6.00 -9.02 12.26
C ILE B 57 5.17 -9.78 13.30
N GLU B 58 3.85 -9.68 13.18
CA GLU B 58 2.96 -10.39 14.10
C GLU B 58 2.66 -11.78 13.57
N VAL B 59 2.81 -12.81 14.41
CA VAL B 59 2.40 -14.15 14.06
C VAL B 59 1.18 -14.51 14.91
N THR B 60 0.03 -14.80 14.27
CA THR B 60 -1.12 -15.26 15.01
C THR B 60 -1.63 -16.59 14.49
N ASP B 61 -2.05 -17.46 15.44
CA ASP B 61 -2.72 -18.70 15.10
C ASP B 61 -4.19 -18.59 15.49
N PHE B 62 -4.62 -17.36 15.78
CA PHE B 62 -6.04 -17.06 16.04
C PHE B 62 -6.49 -17.82 17.29
N GLY B 63 -5.54 -18.37 18.05
CA GLY B 63 -5.89 -19.08 19.27
C GLY B 63 -6.41 -20.49 19.01
N LEU B 64 -6.21 -21.02 17.79
CA LEU B 64 -6.79 -22.28 17.37
C LEU B 64 -5.78 -23.45 17.40
N GLY B 65 -4.50 -23.13 17.63
CA GLY B 65 -3.48 -24.15 17.92
C GLY B 65 -3.01 -24.97 16.72
N VAL B 66 -3.27 -24.47 15.50
CA VAL B 66 -2.79 -25.13 14.29
C VAL B 66 -2.37 -24.01 13.34
N LEU B 67 -1.25 -23.36 13.68
CA LEU B 67 -0.74 -22.17 12.98
C LEU B 67 -0.69 -22.41 11.46
N TYR B 68 -0.28 -23.59 11.02
CA TYR B 68 -0.11 -23.88 9.59
C TYR B 68 -1.42 -24.18 8.89
N THR B 69 -2.52 -24.32 9.66
CA THR B 69 -3.84 -24.38 9.09
C THR B 69 -4.52 -23.02 9.19
N PHE B 70 -4.65 -22.50 10.41
CA PHE B 70 -5.27 -21.18 10.63
C PHE B 70 -4.20 -20.27 11.20
N GLY B 71 -3.85 -19.23 10.43
CA GLY B 71 -2.79 -18.35 10.91
C GLY B 71 -2.48 -17.26 9.89
N LEU B 72 -1.72 -16.26 10.32
CA LEU B 72 -1.34 -15.15 9.43
C LEU B 72 -0.07 -14.55 10.01
N GLU B 73 0.78 -14.02 9.13
CA GLU B 73 1.96 -13.31 9.58
C GLU B 73 1.82 -11.89 9.03
N ILE B 74 1.79 -10.88 9.88
CA ILE B 74 1.34 -9.57 9.46
C ILE B 74 2.45 -8.54 9.69
N LEU B 75 2.75 -7.71 8.67
CA LEU B 75 3.55 -6.53 8.91
C LEU B 75 2.67 -5.30 8.75
N VAL B 76 2.53 -4.49 9.80
CA VAL B 76 1.78 -3.25 9.67
C VAL B 76 2.75 -2.14 9.24
N TYR B 77 2.55 -1.59 8.04
CA TYR B 77 3.38 -0.49 7.59
C TYR B 77 3.04 0.80 8.32
N VAL B 78 1.75 1.09 8.51
CA VAL B 78 1.26 2.29 9.15
C VAL B 78 -0.20 2.05 9.53
N ASN B 79 -0.67 2.59 10.67
CA ASN B 79 -2.07 2.46 11.06
C ASN B 79 -2.39 3.68 11.93
N ASN B 80 -3.23 4.55 11.42
CA ASN B 80 -3.64 5.72 12.19
C ASN B 80 -5.12 5.99 11.92
N GLU B 81 -5.60 7.12 12.45
CA GLU B 81 -7.02 7.44 12.37
CA GLU B 81 -7.03 7.43 12.37
C GLU B 81 -7.47 7.67 10.92
N ARG B 82 -6.52 7.96 10.03
CA ARG B 82 -6.87 8.37 8.67
C ARG B 82 -6.77 7.20 7.67
N TYR B 83 -5.84 6.27 7.91
CA TYR B 83 -5.66 5.15 6.98
C TYR B 83 -4.75 4.10 7.58
N CYS B 84 -4.66 2.94 6.92
CA CYS B 84 -3.84 1.83 7.36
C CYS B 84 -3.30 1.11 6.11
N ALA B 85 -2.06 0.60 6.22
CA ALA B 85 -1.53 -0.29 5.18
C ALA B 85 -0.78 -1.42 5.84
N LYS B 86 -1.02 -2.65 5.37
CA LYS B 86 -0.32 -3.83 5.90
C LYS B 86 0.16 -4.75 4.78
N GLU B 87 1.08 -5.64 5.13
CA GLU B 87 1.43 -6.75 4.25
C GLU B 87 1.04 -8.03 5.00
N LEU B 88 0.17 -8.84 4.39
CA LEU B 88 -0.22 -10.10 5.00
C LEU B 88 0.56 -11.21 4.33
N VAL B 89 1.34 -11.94 5.13
CA VAL B 89 2.08 -13.06 4.55
C VAL B 89 1.36 -14.35 4.95
N MET B 90 1.17 -15.23 3.96
CA MET B 90 0.49 -16.47 4.22
C MET B 90 1.34 -17.62 3.69
N PHE B 91 1.63 -18.61 4.56
CA PHE B 91 2.29 -19.82 4.12
C PHE B 91 1.31 -20.64 3.30
N PRO B 92 1.76 -21.64 2.50
CA PRO B 92 0.86 -22.46 1.68
C PRO B 92 -0.37 -22.92 2.44
N ARG B 93 -1.56 -22.59 1.91
CA ARG B 93 -2.86 -23.01 2.48
C ARG B 93 -3.15 -22.52 3.89
N GLN B 94 -2.43 -21.50 4.40
CA GLN B 94 -2.86 -20.85 5.64
C GLN B 94 -4.22 -20.17 5.42
N ILE B 95 -5.08 -20.27 6.42
CA ILE B 95 -6.43 -19.71 6.35
C ILE B 95 -6.53 -18.62 7.41
N CYS B 96 -7.17 -17.48 7.01
CA CYS B 96 -7.64 -16.49 7.95
CA CYS B 96 -7.66 -16.51 7.96
C CYS B 96 -9.11 -16.82 8.27
N PRO B 97 -9.43 -17.19 9.51
CA PRO B 97 -10.82 -17.55 9.90
C PRO B 97 -11.80 -16.38 9.65
N GLU B 98 -13.07 -16.76 9.48
CA GLU B 98 -14.09 -15.80 9.06
C GLU B 98 -14.39 -14.74 10.12
N HIS B 99 -14.41 -13.49 9.63
CA HIS B 99 -14.60 -12.37 10.53
C HIS B 99 -15.21 -11.19 9.78
N ARG B 100 -15.54 -10.14 10.53
CA ARG B 100 -15.91 -8.88 9.92
CA ARG B 100 -15.93 -8.88 9.93
C ARG B 100 -15.37 -7.74 10.79
N HIS B 101 -15.25 -6.56 10.16
CA HIS B 101 -14.79 -5.37 10.84
C HIS B 101 -16.02 -4.48 11.07
N PRO B 102 -16.54 -4.46 12.29
CA PRO B 102 -17.82 -3.79 12.50
C PRO B 102 -17.66 -2.30 12.80
N PRO B 103 -18.78 -1.54 12.73
CA PRO B 103 -18.77 -0.17 13.26
C PRO B 103 -18.34 -0.27 14.72
N ILE B 104 -17.69 0.80 15.20
CA ILE B 104 -17.22 0.91 16.57
C ILE B 104 -17.57 2.33 16.98
N GLY B 105 -18.54 2.48 17.89
CA GLY B 105 -19.06 3.82 18.14
C GLY B 105 -19.45 4.50 16.83
N SER B 106 -18.90 5.69 16.60
CA SER B 106 -19.22 6.49 15.43
C SER B 106 -18.33 6.12 14.23
N TYR B 107 -17.28 5.31 14.46
CA TYR B 107 -16.47 4.77 13.38
C TYR B 107 -17.34 3.77 12.59
N LEU B 108 -17.47 3.97 11.27
CA LEU B 108 -18.19 3.11 10.33
C LEU B 108 -17.68 1.67 10.37
N GLY B 109 -16.42 1.47 10.79
CA GLY B 109 -15.84 0.15 10.64
C GLY B 109 -14.82 0.14 9.49
N LYS B 110 -13.93 -0.84 9.54
CA LYS B 110 -12.84 -0.82 8.57
C LYS B 110 -13.34 -1.28 7.20
N GLN B 111 -13.09 -0.46 6.17
CA GLN B 111 -13.14 -0.91 4.78
C GLN B 111 -11.75 -1.23 4.32
N GLU B 112 -11.59 -2.33 3.56
CA GLU B 112 -10.23 -2.65 3.13
C GLU B 112 -10.21 -3.11 1.67
N THR B 113 -9.10 -2.81 1.02
CA THR B 113 -8.79 -3.32 -0.31
C THR B 113 -7.62 -4.27 -0.20
N PHE B 114 -7.78 -5.51 -0.70
CA PHE B 114 -6.70 -6.46 -0.74
CA PHE B 114 -6.69 -6.46 -0.75
C PHE B 114 -6.07 -6.41 -2.13
N ARG B 115 -4.76 -6.55 -2.18
CA ARG B 115 -4.07 -6.67 -3.46
C ARG B 115 -3.11 -7.84 -3.32
N CYS B 116 -3.32 -8.87 -4.14
CA CYS B 116 -2.33 -9.95 -4.11
C CYS B 116 -1.01 -9.47 -4.72
N ARG B 117 0.11 -9.69 -4.05
CA ARG B 117 1.42 -9.28 -4.53
C ARG B 117 2.22 -10.47 -5.10
N TRP B 118 1.96 -11.67 -4.57
CA TRP B 118 2.81 -12.82 -4.90
C TRP B 118 1.99 -14.04 -4.51
N GLY B 119 2.16 -15.17 -5.26
CA GLY B 119 1.35 -16.33 -4.91
C GLY B 119 -0.08 -16.21 -5.43
N GLU B 120 -1.03 -16.75 -4.68
CA GLU B 120 -2.44 -16.58 -5.02
C GLU B 120 -3.25 -16.81 -3.74
N VAL B 121 -4.39 -16.12 -3.67
CA VAL B 121 -5.24 -16.24 -2.50
C VAL B 121 -6.70 -16.41 -2.93
N TYR B 122 -7.42 -17.20 -2.13
CA TYR B 122 -8.84 -17.45 -2.34
C TYR B 122 -9.62 -16.70 -1.28
N LEU B 123 -10.35 -15.65 -1.70
CA LEU B 123 -11.09 -14.80 -0.79
C LEU B 123 -12.56 -15.17 -0.88
N TYR B 124 -13.24 -15.21 0.24
CA TYR B 124 -14.66 -15.54 0.25
C TYR B 124 -15.41 -14.40 0.92
N VAL B 125 -16.56 -14.03 0.30
CA VAL B 125 -17.38 -12.90 0.74
C VAL B 125 -18.83 -13.32 0.60
N PRO B 126 -19.79 -12.53 1.08
CA PRO B 126 -21.21 -12.91 0.97
C PRO B 126 -21.62 -12.96 -0.48
N GLY B 127 -22.67 -13.78 -0.69
CA GLY B 127 -23.19 -13.93 -2.03
C GLY B 127 -23.58 -15.40 -2.27
N THR B 128 -23.85 -15.70 -3.53
CA THR B 128 -24.22 -17.06 -3.85
CA THR B 128 -24.21 -17.05 -3.93
C THR B 128 -22.97 -17.92 -3.75
N PRO B 129 -23.07 -19.10 -3.10
CA PRO B 129 -21.90 -19.99 -3.03
C PRO B 129 -21.40 -20.31 -4.42
N THR B 130 -20.09 -20.18 -4.63
CA THR B 130 -19.45 -20.54 -5.88
C THR B 130 -19.31 -22.06 -5.92
N PRO B 131 -19.70 -22.74 -7.02
CA PRO B 131 -19.44 -24.18 -7.11
C PRO B 131 -17.93 -24.45 -7.23
N ASN B 132 -17.51 -25.59 -6.65
CA ASN B 132 -16.15 -26.10 -6.77
C ASN B 132 -15.14 -25.07 -6.25
N PRO B 133 -15.30 -24.58 -5.01
CA PRO B 133 -14.37 -23.58 -4.48
C PRO B 133 -12.97 -24.19 -4.41
N ARG B 134 -11.96 -23.34 -4.60
CA ARG B 134 -10.56 -23.71 -4.51
CA ARG B 134 -10.57 -23.73 -4.52
C ARG B 134 -10.13 -23.99 -3.09
N ALA B 135 -10.75 -23.34 -2.10
CA ALA B 135 -10.31 -23.47 -0.71
C ALA B 135 -10.62 -24.87 -0.17
N ARG B 136 -9.73 -25.34 0.71
CA ARG B 136 -9.89 -26.59 1.44
C ARG B 136 -9.83 -26.30 2.92
N ILE B 137 -10.96 -26.50 3.61
CA ILE B 137 -11.19 -26.17 5.00
C ILE B 137 -11.25 -27.50 5.76
N PRO B 138 -10.77 -27.55 7.01
CA PRO B 138 -10.97 -28.75 7.86
C PRO B 138 -12.45 -29.02 8.05
N GLU B 139 -12.84 -30.29 7.86
CA GLU B 139 -14.24 -30.73 7.88
C GLU B 139 -14.89 -30.23 9.17
N GLU B 140 -14.20 -30.35 10.29
CA GLU B 140 -14.84 -30.05 11.57
C GLU B 140 -14.94 -28.56 11.82
N LYS B 141 -14.38 -27.72 10.95
CA LYS B 141 -14.51 -26.28 11.15
C LYS B 141 -15.45 -25.66 10.11
N LYS B 142 -15.93 -26.46 9.15
CA LYS B 142 -16.83 -25.98 8.11
C LYS B 142 -17.96 -25.10 8.66
N ARG B 143 -18.49 -25.45 9.85
CA ARG B 143 -19.65 -24.74 10.38
CA ARG B 143 -19.64 -24.76 10.41
C ARG B 143 -19.33 -23.28 10.63
N TYR B 144 -18.03 -22.95 10.76
CA TYR B 144 -17.67 -21.58 11.11
C TYR B 144 -17.21 -20.77 9.92
N PHE B 145 -17.43 -21.32 8.72
CA PHE B 145 -17.26 -20.63 7.47
C PHE B 145 -18.62 -20.54 6.80
N THR B 146 -19.18 -19.34 6.75
CA THR B 146 -20.59 -19.19 6.37
C THR B 146 -20.76 -18.48 5.03
N VAL B 147 -19.73 -17.74 4.57
CA VAL B 147 -19.81 -17.10 3.27
C VAL B 147 -18.97 -17.89 2.28
N TRP B 148 -19.43 -18.01 1.04
CA TRP B 148 -18.83 -18.92 0.08
C TRP B 148 -18.77 -18.36 -1.32
N HIS B 149 -18.93 -17.02 -1.48
CA HIS B 149 -18.76 -16.47 -2.79
C HIS B 149 -17.27 -16.20 -3.01
N GLU B 150 -16.69 -16.83 -4.00
CA GLU B 150 -15.25 -16.92 -4.17
C GLU B 150 -14.72 -15.80 -5.06
N ILE B 151 -13.62 -15.16 -4.61
CA ILE B 151 -12.85 -14.27 -5.45
C ILE B 151 -11.43 -14.80 -5.43
N VAL B 152 -10.87 -15.19 -6.58
CA VAL B 152 -9.50 -15.64 -6.62
C VAL B 152 -8.64 -14.43 -6.99
N LEU B 153 -7.59 -14.16 -6.20
CA LEU B 153 -6.72 -13.07 -6.58
C LEU B 153 -5.31 -13.58 -6.86
N ARG B 154 -4.84 -13.23 -8.05
CA ARG B 154 -3.49 -13.50 -8.48
C ARG B 154 -2.68 -12.22 -8.44
N PRO B 155 -1.35 -12.25 -8.61
CA PRO B 155 -0.52 -11.05 -8.42
C PRO B 155 -1.00 -9.87 -9.27
N GLY B 156 -1.13 -8.72 -8.58
CA GLY B 156 -1.66 -7.51 -9.21
C GLY B 156 -3.17 -7.33 -9.07
N GLU B 157 -3.93 -8.35 -8.65
CA GLU B 157 -5.37 -8.24 -8.62
C GLU B 157 -5.89 -7.85 -7.23
N GLN B 158 -7.02 -7.15 -7.22
CA GLN B 158 -7.54 -6.54 -5.99
C GLN B 158 -9.02 -6.79 -5.80
N TYR B 159 -9.46 -6.71 -4.54
CA TYR B 159 -10.86 -6.70 -4.21
C TYR B 159 -11.10 -5.83 -2.98
N THR B 160 -12.25 -5.13 -2.93
CA THR B 160 -12.53 -4.26 -1.80
C THR B 160 -13.72 -4.77 -1.01
N ILE B 161 -13.53 -4.91 0.29
CA ILE B 161 -14.51 -5.42 1.25
CA ILE B 161 -14.53 -5.40 1.23
C ILE B 161 -15.09 -4.20 2.00
N PRO B 162 -16.40 -3.88 1.85
CA PRO B 162 -17.01 -2.84 2.67
C PRO B 162 -17.02 -3.17 4.16
N PRO B 163 -17.22 -2.19 5.06
CA PRO B 163 -17.24 -2.49 6.49
C PRO B 163 -18.33 -3.50 6.83
N ASN B 164 -18.09 -4.18 7.92
CA ASN B 164 -19.06 -5.07 8.57
C ASN B 164 -19.49 -6.18 7.62
N THR B 165 -18.56 -6.61 6.75
CA THR B 165 -18.83 -7.64 5.77
C THR B 165 -18.06 -8.91 6.15
N LEU B 166 -18.75 -10.06 6.20
CA LEU B 166 -18.08 -11.31 6.58
C LEU B 166 -17.16 -11.72 5.46
N HIS B 167 -15.94 -12.16 5.84
CA HIS B 167 -14.99 -12.62 4.82
C HIS B 167 -13.97 -13.53 5.48
N TRP B 168 -13.34 -14.35 4.63
CA TRP B 168 -12.21 -15.17 5.05
C TRP B 168 -11.39 -15.46 3.81
N PHE B 169 -10.17 -16.02 4.02
CA PHE B 169 -9.34 -16.27 2.86
C PHE B 169 -8.36 -17.41 3.15
N GLN B 170 -7.94 -18.08 2.06
CA GLN B 170 -6.91 -19.11 2.18
C GLN B 170 -5.93 -18.92 1.05
N ALA B 171 -4.62 -19.04 1.38
CA ALA B 171 -3.59 -18.95 0.34
C ALA B 171 -3.53 -20.24 -0.48
N GLY B 172 -3.04 -20.12 -1.69
CA GLY B 172 -2.83 -21.28 -2.56
C GLY B 172 -1.67 -22.14 -2.10
N ASP B 173 -1.32 -23.10 -2.98
CA ASP B 173 -0.34 -24.11 -2.56
C ASP B 173 1.11 -23.61 -2.51
N GLU B 174 1.37 -22.37 -2.99
CA GLU B 174 2.68 -21.77 -2.83
CA GLU B 174 2.68 -21.75 -2.85
C GLU B 174 2.68 -20.71 -1.71
N GLY B 175 1.49 -20.46 -1.14
CA GLY B 175 1.40 -19.34 -0.17
C GLY B 175 0.95 -18.06 -0.88
N ALA B 176 1.00 -16.94 -0.16
CA ALA B 176 0.61 -15.66 -0.79
C ALA B 176 1.18 -14.53 0.04
N ILE B 177 1.38 -13.39 -0.65
CA ILE B 177 1.60 -12.14 0.04
C ILE B 177 0.50 -11.21 -0.45
N VAL B 178 -0.27 -10.70 0.52
CA VAL B 178 -1.45 -9.93 0.16
C VAL B 178 -1.36 -8.58 0.88
N SER B 179 -1.31 -7.48 0.12
CA SER B 179 -1.29 -6.16 0.73
C SER B 179 -2.71 -5.75 1.11
N GLU B 180 -2.81 -5.02 2.24
CA GLU B 180 -4.06 -4.41 2.63
C GLU B 180 -3.92 -2.88 2.57
N PHE B 181 -4.90 -2.22 1.96
CA PHE B 181 -5.01 -0.76 2.05
C PHE B 181 -6.37 -0.48 2.66
N SER B 182 -6.42 0.27 3.75
CA SER B 182 -7.70 0.33 4.47
C SER B 182 -7.85 1.61 5.27
N SER B 183 -9.06 1.80 5.80
CA SER B 183 -9.25 2.82 6.84
C SER B 183 -8.65 2.26 8.14
N GLN B 184 -8.76 3.04 9.24
CA GLN B 184 -8.13 2.65 10.49
C GLN B 184 -8.44 1.20 10.91
N SER B 185 -7.42 0.45 11.33
CA SER B 185 -7.54 -0.92 11.78
C SER B 185 -7.64 -0.95 13.30
N ILE B 186 -8.65 -1.70 13.77
CA ILE B 186 -8.82 -2.00 15.19
C ILE B 186 -9.07 -3.51 15.35
N ASP B 187 -8.00 -4.29 15.27
CA ASP B 187 -8.05 -5.72 15.19
C ASP B 187 -8.82 -6.29 16.39
N GLU B 188 -8.70 -5.63 17.56
CA GLU B 188 -9.25 -6.18 18.79
CA GLU B 188 -9.26 -6.15 18.80
C GLU B 188 -10.78 -6.24 18.73
N LYS B 189 -11.39 -5.41 17.86
CA LYS B 189 -12.83 -5.29 17.77
C LYS B 189 -13.43 -6.12 16.65
N ASP B 190 -12.59 -6.86 15.91
CA ASP B 190 -13.09 -7.75 14.87
C ASP B 190 -13.97 -8.82 15.48
N ILE B 191 -15.01 -9.22 14.73
CA ILE B 191 -15.92 -10.27 15.21
C ILE B 191 -15.70 -11.52 14.38
N PHE B 192 -15.37 -12.63 15.06
CA PHE B 192 -15.13 -13.89 14.37
C PHE B 192 -16.32 -14.82 14.48
N THR B 193 -16.59 -15.54 13.40
CA THR B 193 -17.67 -16.54 13.41
C THR B 193 -17.34 -17.70 14.36
N ASP B 194 -16.07 -18.16 14.37
CA ASP B 194 -15.64 -19.27 15.21
C ASP B 194 -15.47 -18.76 16.63
N PRO B 195 -16.28 -19.22 17.62
CA PRO B 195 -16.21 -18.62 18.96
C PRO B 195 -14.94 -19.07 19.68
N ASN B 196 -14.19 -20.01 19.10
CA ASN B 196 -12.92 -20.43 19.66
C ASN B 196 -11.81 -19.43 19.33
N VAL B 197 -12.02 -18.59 18.33
CA VAL B 197 -10.95 -17.69 17.93
C VAL B 197 -10.72 -16.65 18.99
N LYS B 198 -9.44 -16.46 19.36
CA LYS B 198 -8.99 -15.30 20.10
CA LYS B 198 -9.03 -15.26 20.06
C LYS B 198 -7.95 -14.58 19.24
N ARG B 199 -8.26 -13.36 18.82
CA ARG B 199 -7.42 -12.58 17.93
C ARG B 199 -6.11 -12.20 18.64
N ILE B 200 -6.24 -11.73 19.89
CA ILE B 200 -5.15 -11.11 20.63
C ILE B 200 -4.28 -12.18 21.30
N PRO B 201 -2.95 -12.18 20.98
CA PRO B 201 -2.09 -13.35 21.15
C PRO B 201 -1.92 -13.85 22.58
N GLU B 202 -1.53 -15.12 22.69
CA GLU B 202 -1.07 -15.74 23.93
C GLU B 202 0.19 -16.57 23.65
N ILE B 203 1.32 -15.87 23.45
CA ILE B 203 2.63 -16.48 23.30
C ILE B 203 3.15 -16.82 24.70
N VAL B 204 3.37 -18.12 24.95
CA VAL B 204 3.92 -18.55 26.22
C VAL B 204 5.44 -18.69 26.08
#